data_4FRV
#
_entry.id   4FRV
#
_cell.length_a   64.790
_cell.length_b   44.160
_cell.length_c   60.110
_cell.angle_alpha   90.00
_cell.angle_beta   95.45
_cell.angle_gamma   90.00
#
_symmetry.space_group_name_H-M   'C 1 2 1'
#
loop_
_entity.id
_entity.type
_entity.pdbx_description
1 polymer 'Peptidyl-prolyl cis-trans isomerase'
2 non-polymer 'ZINC ION'
3 non-polymer 1-ETHOXY-2-(2-METHOXYETHOXY)ETHANE
4 non-polymer DI(HYDROXYETHYL)ETHER
5 water water
#
_entity_poly.entity_id   1
_entity_poly.type   'polypeptide(L)'
_entity_poly.pdbx_seq_one_letter_code
;AMDEKKKRPKVTVKVYFDLRIGDEDIGRVVIGLFGKTVPKTVDNFVALATGEKGFGYKDSKFHRVIKDFMIQGGDFTRGD
GTGGKSIYGERFPDENFKLKHYGPGWVSMANAGKDTNGSQFFITTVKTAWLDGKHVVFGKVLEGMEVVRKVETTKTDGRD
KPLKDVTIADCGKIEVEKPFAIAKE
;
_entity_poly.pdbx_strand_id   A
#
loop_
_chem_comp.id
_chem_comp.type
_chem_comp.name
_chem_comp.formula
ME2 non-polymer 1-ETHOXY-2-(2-METHOXYETHOXY)ETHANE 'C7 H16 O3'
PEG non-polymer DI(HYDROXYETHYL)ETHER 'C4 H10 O3'
ZN non-polymer 'ZINC ION' 'Zn 2'
#
# COMPACT_ATOMS: atom_id res chain seq x y z
N ALA A 1 28.25 6.52 -6.90
CA ALA A 1 28.45 5.46 -7.92
C ALA A 1 27.27 5.42 -8.88
N MET A 2 27.47 4.89 -10.07
CA MET A 2 26.37 4.85 -11.04
C MET A 2 25.39 3.68 -10.78
N ASP A 3 25.87 2.67 -10.06
CA ASP A 3 25.03 1.53 -9.68
C ASP A 3 24.49 0.77 -10.89
N GLU A 4 25.30 0.70 -11.95
CA GLU A 4 24.90 0.03 -13.18
C GLU A 4 24.38 -1.37 -12.91
N LYS A 5 25.04 -2.08 -12.01
CA LYS A 5 24.81 -3.52 -11.85
C LYS A 5 23.90 -3.88 -10.67
N LYS A 6 23.38 -2.88 -9.96
CA LYS A 6 22.41 -3.17 -8.92
C LYS A 6 21.07 -3.54 -9.56
N LYS A 7 20.39 -4.53 -8.98
CA LYS A 7 19.12 -4.98 -9.51
C LYS A 7 17.98 -4.14 -8.92
N ARG A 8 17.05 -3.71 -9.76
CA ARG A 8 16.03 -2.75 -9.38
C ARG A 8 14.66 -3.08 -9.95
N PRO A 9 13.60 -2.83 -9.18
CA PRO A 9 12.25 -3.00 -9.72
C PRO A 9 11.81 -1.79 -10.55
N LYS A 10 10.94 -2.05 -11.50
CA LYS A 10 10.44 -0.99 -12.38
C LYS A 10 9.01 -0.61 -12.04
N VAL A 11 8.79 0.69 -11.91
CA VAL A 11 7.46 1.25 -11.78
C VAL A 11 6.78 1.24 -13.14
N THR A 12 5.63 0.57 -13.22
CA THR A 12 4.93 0.38 -14.50
C THR A 12 3.59 1.11 -14.56
N VAL A 13 3.11 1.54 -13.40
CA VAL A 13 1.81 2.19 -13.25
C VAL A 13 1.81 2.82 -11.87
N LYS A 14 0.96 3.82 -11.65
CA LYS A 14 0.85 4.50 -10.36
C LYS A 14 -0.60 4.51 -9.89
N VAL A 15 -0.79 4.65 -8.58
CA VAL A 15 -2.08 4.91 -7.97
C VAL A 15 -1.93 6.14 -7.08
N TYR A 16 -2.95 6.99 -7.09
CA TYR A 16 -2.98 8.09 -6.12
C TYR A 16 -4.06 7.85 -5.09
N PHE A 17 -3.79 8.34 -3.88
CA PHE A 17 -4.77 8.46 -2.81
C PHE A 17 -4.77 9.92 -2.33
N ASP A 18 -5.93 10.55 -2.32
CA ASP A 18 -6.11 11.84 -1.65
C ASP A 18 -6.66 11.54 -0.25
N LEU A 19 -5.95 11.95 0.79
CA LEU A 19 -6.27 11.52 2.15
C LEU A 19 -6.90 12.62 2.98
N ARG A 20 -7.68 12.22 3.96
CA ARG A 20 -8.28 13.10 4.94
C ARG A 20 -8.07 12.54 6.34
N ILE A 21 -7.91 13.42 7.31
CA ILE A 21 -8.00 13.04 8.71
C ILE A 21 -9.22 13.80 9.24
N GLY A 22 -10.21 13.07 9.75
CA GLY A 22 -11.49 13.69 10.06
C GLY A 22 -12.00 14.34 8.79
N ASP A 23 -12.43 15.60 8.89
CA ASP A 23 -12.90 16.30 7.71
C ASP A 23 -11.84 17.18 7.07
N GLU A 24 -10.57 16.99 7.41
CA GLU A 24 -9.50 17.80 6.84
C GLU A 24 -8.77 17.08 5.71
N ASP A 25 -8.80 17.68 4.52
CA ASP A 25 -7.96 17.23 3.42
C ASP A 25 -6.50 17.47 3.77
N ILE A 26 -5.66 16.42 3.64
CA ILE A 26 -4.27 16.54 4.05
C ILE A 26 -3.25 16.32 2.93
N GLY A 27 -3.70 15.97 1.73
CA GLY A 27 -2.81 15.86 0.59
C GLY A 27 -2.88 14.54 -0.12
N ARG A 28 -2.01 14.42 -1.13
CA ARG A 28 -1.99 13.29 -2.03
C ARG A 28 -0.74 12.42 -1.85
N VAL A 29 -0.97 11.11 -1.87
CA VAL A 29 0.08 10.12 -1.91
C VAL A 29 0.06 9.45 -3.27
N VAL A 30 1.22 9.35 -3.92
CA VAL A 30 1.31 8.65 -5.19
C VAL A 30 2.23 7.47 -5.01
N ILE A 31 1.74 6.29 -5.36
CA ILE A 31 2.41 5.02 -5.19
C ILE A 31 2.80 4.49 -6.57
N GLY A 32 4.09 4.20 -6.75
CA GLY A 32 4.56 3.50 -7.93
C GLY A 32 4.48 2.01 -7.72
N LEU A 33 4.04 1.28 -8.73
CA LEU A 33 3.70 -0.13 -8.60
C LEU A 33 4.51 -0.97 -9.54
N PHE A 34 4.93 -2.15 -9.06
CA PHE A 34 5.89 -2.97 -9.78
C PHE A 34 5.21 -4.06 -10.58
N GLY A 35 4.60 -3.67 -11.71
CA GLY A 35 3.77 -4.59 -12.47
C GLY A 35 4.50 -5.69 -13.22
N LYS A 36 5.80 -5.56 -13.45
CA LYS A 36 6.57 -6.65 -14.02
C LYS A 36 6.96 -7.66 -12.95
N THR A 37 7.15 -7.22 -11.71
CA THR A 37 7.61 -8.10 -10.64
C THR A 37 6.46 -8.89 -10.01
N VAL A 38 5.35 -8.20 -9.75
CA VAL A 38 4.18 -8.80 -9.11
C VAL A 38 2.91 -8.36 -9.83
N PRO A 39 2.75 -8.80 -11.09
CA PRO A 39 1.61 -8.34 -11.87
C PRO A 39 0.24 -8.65 -11.26
N LYS A 40 0.06 -9.83 -10.69
CA LYS A 40 -1.24 -10.19 -10.16
CA LYS A 40 -1.24 -10.19 -10.16
C LYS A 40 -1.60 -9.30 -8.97
N THR A 41 -0.61 -9.05 -8.13
CA THR A 41 -0.81 -8.23 -6.93
C THR A 41 -1.05 -6.78 -7.31
N VAL A 42 -0.30 -6.27 -8.27
CA VAL A 42 -0.50 -4.90 -8.76
C VAL A 42 -1.86 -4.75 -9.43
N ASP A 43 -2.24 -5.70 -10.27
CA ASP A 43 -3.50 -5.59 -10.98
C ASP A 43 -4.68 -5.54 -9.99
N ASN A 44 -4.60 -6.29 -8.91
CA ASN A 44 -5.61 -6.22 -7.87
C ASN A 44 -5.69 -4.82 -7.25
N PHE A 45 -4.54 -4.29 -6.84
CA PHE A 45 -4.51 -3.01 -6.17
C PHE A 45 -5.04 -1.91 -7.08
N VAL A 46 -4.62 -1.95 -8.35
CA VAL A 46 -5.05 -0.92 -9.31
C VAL A 46 -6.56 -1.00 -9.52
N ALA A 47 -7.10 -2.20 -9.70
CA ALA A 47 -8.54 -2.35 -9.90
C ALA A 47 -9.33 -1.87 -8.68
N LEU A 48 -8.78 -2.10 -7.49
CA LEU A 48 -9.46 -1.64 -6.30
C LEU A 48 -9.39 -0.11 -6.18
N ALA A 49 -8.32 0.49 -6.69
CA ALA A 49 -8.21 1.95 -6.73
C ALA A 49 -9.16 2.59 -7.74
N THR A 50 -9.39 1.93 -8.87
CA THR A 50 -10.32 2.49 -9.85
C THR A 50 -11.77 2.21 -9.50
N GLY A 51 -12.01 1.15 -8.72
CA GLY A 51 -13.36 0.72 -8.40
C GLY A 51 -14.09 -0.05 -9.51
N GLU A 52 -13.36 -0.44 -10.54
CA GLU A 52 -13.97 -0.96 -11.76
C GLU A 52 -14.72 -2.29 -11.61
N LYS A 53 -14.47 -3.05 -10.55
CA LYS A 53 -15.23 -4.29 -10.32
C LYS A 53 -16.51 -4.05 -9.54
N GLY A 54 -16.77 -2.80 -9.15
CA GLY A 54 -17.94 -2.46 -8.36
C GLY A 54 -17.71 -2.36 -6.87
N PHE A 55 -16.45 -2.40 -6.47
CA PHE A 55 -16.05 -2.25 -5.08
C PHE A 55 -14.60 -1.77 -5.10
N GLY A 56 -14.14 -1.20 -4.00
CA GLY A 56 -12.76 -0.75 -3.96
C GLY A 56 -12.46 0.22 -2.83
N TYR A 57 -11.34 0.90 -2.97
CA TYR A 57 -10.76 1.67 -1.85
C TYR A 57 -11.38 3.04 -1.57
N LYS A 58 -12.12 3.62 -2.50
CA LYS A 58 -12.58 5.00 -2.29
C LYS A 58 -13.43 5.08 -1.03
N ASP A 59 -13.08 6.05 -0.19
CA ASP A 59 -13.72 6.35 1.09
C ASP A 59 -13.56 5.29 2.18
N SER A 60 -12.64 4.36 1.96
CA SER A 60 -12.25 3.44 3.01
C SER A 60 -11.23 4.10 3.95
N LYS A 61 -10.98 3.46 5.08
CA LYS A 61 -10.14 4.08 6.10
CA LYS A 61 -10.16 4.03 6.16
C LYS A 61 -8.82 3.34 6.33
N PHE A 62 -7.88 4.05 6.94
CA PHE A 62 -6.68 3.45 7.51
C PHE A 62 -7.02 3.12 8.96
N HIS A 63 -7.39 1.86 9.20
CA HIS A 63 -7.96 1.48 10.49
C HIS A 63 -6.91 1.14 11.55
N ARG A 64 -5.66 0.97 11.15
CA ARG A 64 -4.57 0.61 12.07
C ARG A 64 -3.34 1.41 11.69
N VAL A 65 -2.86 2.20 12.64
CA VAL A 65 -1.72 3.09 12.44
C VAL A 65 -0.76 2.87 13.60
N ILE A 66 0.50 2.56 13.30
CA ILE A 66 1.51 2.37 14.33
C ILE A 66 2.70 3.26 14.01
N LYS A 67 2.91 4.26 14.86
CA LYS A 67 4.02 5.19 14.68
C LYS A 67 5.34 4.41 14.66
N ASP A 68 6.25 4.81 13.77
CA ASP A 68 7.54 4.15 13.60
C ASP A 68 7.41 2.73 13.09
N PHE A 69 6.31 2.44 12.38
CA PHE A 69 6.12 1.15 11.76
C PHE A 69 5.38 1.27 10.43
N MET A 70 4.07 1.54 10.44
CA MET A 70 3.29 1.47 9.22
C MET A 70 1.90 2.06 9.42
N ILE A 71 1.25 2.35 8.31
CA ILE A 71 -0.18 2.63 8.28
C ILE A 71 -0.87 1.56 7.42
N GLN A 72 -2.02 1.08 7.88
CA GLN A 72 -2.71 -0.04 7.24
C GLN A 72 -4.16 0.33 6.90
N GLY A 73 -4.55 -0.01 5.68
CA GLY A 73 -5.90 0.22 5.23
C GLY A 73 -6.39 -0.86 4.30
N GLY A 74 -7.41 -0.51 3.53
CA GLY A 74 -7.91 -1.41 2.51
C GLY A 74 -9.09 -2.29 2.86
N ASP A 75 -9.61 -2.21 4.09
CA ASP A 75 -10.78 -2.98 4.45
C ASP A 75 -12.03 -2.18 4.08
N PHE A 76 -12.45 -2.30 2.84
CA PHE A 76 -13.55 -1.53 2.34
C PHE A 76 -14.90 -2.20 2.59
N THR A 77 -14.90 -3.40 3.18
CA THR A 77 -16.18 -4.06 3.49
C THR A 77 -16.56 -3.88 4.94
N ARG A 78 -15.59 -3.88 5.85
CA ARG A 78 -15.88 -3.80 7.29
C ARG A 78 -15.18 -2.64 8.01
N GLY A 79 -14.12 -2.09 7.43
CA GLY A 79 -13.44 -0.93 7.99
C GLY A 79 -12.75 -1.20 9.32
N ASP A 80 -12.57 -2.46 9.67
CA ASP A 80 -12.04 -2.79 11.00
C ASP A 80 -10.92 -3.81 10.96
N GLY A 81 -10.53 -4.23 9.76
CA GLY A 81 -9.49 -5.23 9.66
C GLY A 81 -10.02 -6.63 9.46
N THR A 82 -11.33 -6.81 9.59
CA THR A 82 -11.90 -8.15 9.43
C THR A 82 -12.32 -8.45 8.00
N GLY A 83 -12.35 -7.42 7.15
CA GLY A 83 -12.91 -7.59 5.82
C GLY A 83 -11.98 -7.30 4.66
N GLY A 84 -12.60 -6.95 3.54
CA GLY A 84 -11.90 -6.76 2.29
C GLY A 84 -11.92 -8.02 1.45
N LYS A 85 -11.64 -7.86 0.16
CA LYS A 85 -11.55 -8.98 -0.77
C LYS A 85 -10.76 -8.51 -1.97
N SER A 86 -10.13 -9.46 -2.65
CA SER A 86 -9.44 -9.19 -3.90
C SER A 86 -10.36 -9.35 -5.10
N ILE A 87 -9.88 -8.95 -6.26
CA ILE A 87 -10.59 -9.18 -7.50
C ILE A 87 -10.60 -10.67 -7.90
N TYR A 88 -9.83 -11.51 -7.20
CA TYR A 88 -9.74 -12.93 -7.50
C TYR A 88 -10.52 -13.78 -6.52
N GLY A 89 -11.21 -13.14 -5.57
CA GLY A 89 -11.83 -13.85 -4.46
C GLY A 89 -11.38 -13.22 -3.16
N GLU A 90 -11.90 -13.73 -2.05
CA GLU A 90 -11.50 -13.23 -0.75
C GLU A 90 -10.01 -13.25 -0.53
N ARG A 91 -9.37 -14.34 -0.98
CA ARG A 91 -7.96 -14.57 -0.74
C ARG A 91 -7.26 -14.99 -2.03
N PHE A 92 -6.01 -14.58 -2.17
CA PHE A 92 -5.16 -15.10 -3.25
C PHE A 92 -3.75 -15.36 -2.74
N PRO A 93 -3.06 -16.30 -3.40
CA PRO A 93 -1.73 -16.69 -2.92
C PRO A 93 -0.70 -15.58 -2.96
N ASP A 94 0.32 -15.75 -2.13
CA ASP A 94 1.50 -14.88 -2.19
C ASP A 94 2.19 -15.07 -3.53
N GLU A 95 2.22 -14.01 -4.32
CA GLU A 95 2.67 -14.13 -5.70
C GLU A 95 4.16 -14.46 -5.74
N ASN A 96 4.96 -13.69 -5.03
CA ASN A 96 6.37 -14.00 -4.79
C ASN A 96 6.85 -13.08 -3.67
N PHE A 97 8.07 -13.31 -3.20
CA PHE A 97 8.70 -12.44 -2.21
C PHE A 97 9.97 -11.85 -2.78
N LYS A 98 9.93 -11.48 -4.06
CA LYS A 98 11.12 -10.95 -4.70
C LYS A 98 11.56 -9.63 -4.10
N LEU A 99 10.61 -8.81 -3.69
CA LEU A 99 10.90 -7.52 -3.10
C LEU A 99 10.76 -7.57 -1.58
N LYS A 100 11.59 -6.77 -0.94
CA LYS A 100 11.63 -6.65 0.51
CA LYS A 100 11.62 -6.67 0.51
C LYS A 100 11.09 -5.30 0.96
N HIS A 101 10.92 -5.14 2.26
CA HIS A 101 10.43 -3.91 2.86
C HIS A 101 11.65 -3.02 3.14
N TYR A 102 12.18 -2.40 2.07
CA TYR A 102 13.55 -1.85 2.11
C TYR A 102 13.74 -0.64 3.00
N GLY A 103 12.67 0.11 3.23
CA GLY A 103 12.77 1.37 3.95
C GLY A 103 11.40 2.00 4.06
N PRO A 104 11.35 3.27 4.49
CA PRO A 104 10.08 3.99 4.52
C PRO A 104 9.42 4.03 3.15
N GLY A 105 8.11 3.93 3.14
CA GLY A 105 7.32 4.14 1.94
C GLY A 105 7.03 2.92 1.12
N TRP A 106 7.51 1.74 1.50
CA TRP A 106 7.22 0.55 0.71
C TRP A 106 5.82 0.05 1.02
N VAL A 107 5.15 -0.48 0.00
CA VAL A 107 3.74 -0.82 0.06
C VAL A 107 3.63 -2.32 -0.12
N SER A 108 2.89 -2.96 0.78
CA SER A 108 2.90 -4.40 0.94
C SER A 108 1.53 -4.89 1.35
N MET A 109 1.23 -6.15 1.04
CA MET A 109 -0.07 -6.71 1.37
C MET A 109 -0.14 -7.14 2.84
N ALA A 110 -1.20 -6.72 3.52
CA ALA A 110 -1.50 -7.27 4.85
C ALA A 110 -1.97 -8.71 4.69
N ASN A 111 -1.80 -9.52 5.71
CA ASN A 111 -2.28 -10.89 5.64
C ASN A 111 -2.45 -11.48 7.02
N ALA A 112 -3.10 -12.63 7.06
CA ALA A 112 -3.30 -13.39 8.28
C ALA A 112 -2.69 -14.77 8.12
N GLY A 113 -1.50 -14.81 7.52
CA GLY A 113 -0.82 -16.06 7.26
C GLY A 113 -0.61 -16.27 5.77
N LYS A 114 -0.05 -17.42 5.44
CA LYS A 114 0.32 -17.70 4.07
C LYS A 114 -0.90 -17.68 3.16
N ASP A 115 -0.71 -17.08 2.00
CA ASP A 115 -1.71 -17.08 0.94
C ASP A 115 -3.06 -16.54 1.37
N THR A 116 -3.07 -15.40 2.07
CA THR A 116 -4.33 -14.80 2.52
C THR A 116 -4.44 -13.33 2.11
N ASN A 117 -3.81 -12.98 0.99
CA ASN A 117 -3.94 -11.62 0.46
C ASN A 117 -5.36 -11.35 0.02
N GLY A 118 -5.88 -10.17 0.35
CA GLY A 118 -7.21 -9.77 -0.04
C GLY A 118 -7.13 -8.39 -0.66
N SER A 119 -7.61 -7.40 0.09
CA SER A 119 -7.48 -6.00 -0.29
C SER A 119 -6.66 -5.17 0.68
N GLN A 120 -6.49 -5.63 1.92
CA GLN A 120 -5.79 -4.82 2.91
C GLN A 120 -4.30 -4.75 2.58
N PHE A 121 -3.74 -3.58 2.82
CA PHE A 121 -2.35 -3.27 2.50
C PHE A 121 -1.82 -2.34 3.56
N PHE A 122 -0.49 -2.19 3.58
CA PHE A 122 0.11 -1.21 4.46
C PHE A 122 1.23 -0.50 3.75
N ILE A 123 1.51 0.69 4.25
CA ILE A 123 2.61 1.52 3.77
C ILE A 123 3.55 1.63 4.97
N THR A 124 4.79 1.20 4.79
CA THR A 124 5.76 1.28 5.88
C THR A 124 6.23 2.70 6.09
N THR A 125 6.67 3.00 7.30
CA THR A 125 7.25 4.31 7.58
C THR A 125 8.70 4.20 8.05
N VAL A 126 9.18 2.96 8.12
CA VAL A 126 10.55 2.60 8.43
C VAL A 126 10.83 1.32 7.64
N LYS A 127 12.09 0.88 7.63
CA LYS A 127 12.43 -0.44 7.14
CA LYS A 127 12.43 -0.44 7.13
C LYS A 127 11.79 -1.48 8.05
N THR A 128 11.05 -2.44 7.47
CA THR A 128 10.36 -3.46 8.28
C THR A 128 10.83 -4.85 7.82
N ALA A 129 12.11 -5.12 8.01
CA ALA A 129 12.72 -6.33 7.47
C ALA A 129 12.11 -7.60 8.03
N TRP A 130 11.52 -7.52 9.22
CA TRP A 130 10.95 -8.71 9.83
C TRP A 130 9.73 -9.25 9.08
N LEU A 131 9.22 -8.48 8.13
CA LEU A 131 8.09 -8.92 7.31
C LEU A 131 8.57 -9.48 5.97
N ASP A 132 9.86 -9.40 5.69
CA ASP A 132 10.40 -9.90 4.43
C ASP A 132 10.16 -11.40 4.33
N GLY A 133 9.70 -11.83 3.17
CA GLY A 133 9.42 -13.24 2.95
C GLY A 133 8.07 -13.70 3.51
N LYS A 134 7.32 -12.78 4.13
CA LYS A 134 6.03 -13.11 4.72
CA LYS A 134 6.04 -13.09 4.74
C LYS A 134 4.90 -12.26 4.13
N HIS A 135 5.21 -11.03 3.74
CA HIS A 135 4.25 -10.12 3.11
C HIS A 135 4.75 -9.71 1.74
N VAL A 136 3.86 -9.70 0.75
CA VAL A 136 4.21 -9.43 -0.63
C VAL A 136 4.29 -7.93 -0.87
N VAL A 137 5.49 -7.47 -1.18
CA VAL A 137 5.78 -6.08 -1.47
C VAL A 137 5.51 -5.81 -2.95
N PHE A 138 4.79 -4.72 -3.24
CA PHE A 138 4.34 -4.47 -4.60
C PHE A 138 4.38 -3.01 -5.05
N GLY A 139 4.80 -2.09 -4.18
CA GLY A 139 4.89 -0.70 -4.57
C GLY A 139 5.74 0.12 -3.64
N LYS A 140 5.93 1.39 -3.98
CA LYS A 140 6.64 2.34 -3.15
C LYS A 140 6.01 3.71 -3.34
N VAL A 141 5.82 4.43 -2.24
CA VAL A 141 5.41 5.82 -2.30
C VAL A 141 6.49 6.63 -3.00
N LEU A 142 6.09 7.34 -4.05
CA LEU A 142 7.00 8.19 -4.81
C LEU A 142 6.79 9.68 -4.55
N GLU A 143 5.57 10.06 -4.14
CA GLU A 143 5.22 11.44 -3.81
C GLU A 143 4.29 11.40 -2.63
N GLY A 144 4.45 12.37 -1.74
CA GLY A 144 3.54 12.51 -0.62
C GLY A 144 3.90 11.68 0.60
N MET A 145 5.17 11.31 0.75
CA MET A 145 5.56 10.63 1.98
C MET A 145 5.27 11.51 3.19
N GLU A 146 5.34 12.83 3.03
CA GLU A 146 5.00 13.71 4.15
C GLU A 146 3.53 13.57 4.56
N VAL A 147 2.66 13.26 3.60
CA VAL A 147 1.26 13.02 3.89
C VAL A 147 1.11 11.70 4.63
N VAL A 148 1.85 10.67 4.23
CA VAL A 148 1.90 9.43 4.98
C VAL A 148 2.31 9.66 6.43
N ARG A 149 3.30 10.53 6.63
CA ARG A 149 3.75 10.82 7.99
C ARG A 149 2.71 11.55 8.83
N LYS A 150 1.85 12.36 8.21
CA LYS A 150 0.73 12.93 8.94
C LYS A 150 -0.17 11.84 9.49
N VAL A 151 -0.46 10.82 8.67
CA VAL A 151 -1.28 9.72 9.15
C VAL A 151 -0.54 8.95 10.25
N GLU A 152 0.74 8.68 10.02
CA GLU A 152 1.56 7.91 10.95
C GLU A 152 1.53 8.48 12.36
N THR A 153 1.48 9.80 12.46
CA THR A 153 1.58 10.49 13.73
C THR A 153 0.23 10.95 14.27
N THR A 154 -0.87 10.55 13.64
CA THR A 154 -2.19 10.89 14.15
C THR A 154 -2.45 10.17 15.47
N LYS A 155 -3.20 10.80 16.37
CA LYS A 155 -3.49 10.16 17.65
C LYS A 155 -4.28 8.88 17.46
N THR A 156 -3.89 7.85 18.19
CA THR A 156 -4.58 6.56 18.15
C THR A 156 -4.92 6.09 19.56
N ASP A 157 -5.82 5.11 19.63
CA ASP A 157 -6.12 4.45 20.88
C ASP A 157 -5.19 3.26 21.10
N GLY A 158 -5.44 2.50 22.15
CA GLY A 158 -4.58 1.39 22.51
C GLY A 158 -4.65 0.22 21.55
N ARG A 159 -5.63 0.24 20.65
CA ARG A 159 -5.73 -0.75 19.60
C ARG A 159 -5.16 -0.21 18.29
N ASP A 160 -4.46 0.91 18.36
CA ASP A 160 -3.83 1.52 17.20
C ASP A 160 -4.83 2.06 16.18
N LYS A 161 -6.05 2.33 16.64
CA LYS A 161 -7.05 2.89 15.75
C LYS A 161 -7.04 4.42 15.85
N PRO A 162 -6.94 5.13 14.71
CA PRO A 162 -6.97 6.59 14.76
C PRO A 162 -8.21 7.09 15.48
N LEU A 163 -8.04 8.09 16.34
CA LEU A 163 -9.16 8.67 17.08
C LEU A 163 -10.12 9.38 16.14
N LYS A 164 -9.59 9.95 15.07
CA LYS A 164 -10.38 10.50 13.99
C LYS A 164 -10.12 9.64 12.76
N ASP A 165 -11.18 9.32 12.01
CA ASP A 165 -11.02 8.43 10.88
C ASP A 165 -10.12 9.05 9.81
N VAL A 166 -9.24 8.22 9.29
CA VAL A 166 -8.34 8.61 8.23
C VAL A 166 -8.85 7.93 6.98
N THR A 167 -9.29 8.70 6.00
CA THR A 167 -9.95 8.12 4.86
C THR A 167 -9.28 8.46 3.54
N ILE A 168 -9.50 7.57 2.58
CA ILE A 168 -9.10 7.77 1.20
C ILE A 168 -10.25 8.51 0.50
N ALA A 169 -10.19 9.83 0.49
CA ALA A 169 -11.24 10.63 -0.08
C ALA A 169 -11.37 10.39 -1.59
N ASP A 170 -10.26 10.17 -2.28
CA ASP A 170 -10.32 9.89 -3.70
C ASP A 170 -9.12 9.02 -4.05
N CYS A 171 -9.24 8.26 -5.12
CA CYS A 171 -8.17 7.39 -5.55
C CYS A 171 -8.39 7.00 -6.99
N GLY A 172 -7.32 6.56 -7.63
CA GLY A 172 -7.39 6.15 -9.00
C GLY A 172 -6.03 5.77 -9.55
N LYS A 173 -6.02 5.49 -10.84
CA LYS A 173 -4.84 5.04 -11.58
CA LYS A 173 -4.85 5.04 -11.58
C LYS A 173 -4.21 6.20 -12.35
N ILE A 174 -2.88 6.24 -12.37
CA ILE A 174 -2.13 7.18 -13.21
C ILE A 174 -1.21 6.35 -14.08
N GLU A 175 -1.35 6.50 -15.39
CA GLU A 175 -0.53 5.77 -16.32
C GLU A 175 0.90 6.30 -16.32
N VAL A 176 1.84 5.39 -16.55
CA VAL A 176 3.25 5.72 -16.65
C VAL A 176 3.66 5.46 -18.08
N GLU A 177 4.10 6.51 -18.75
CA GLU A 177 4.43 6.46 -20.16
C GLU A 177 5.57 5.48 -20.42
N LYS A 178 6.62 5.58 -19.63
CA LYS A 178 7.76 4.69 -19.78
C LYS A 178 8.17 4.15 -18.42
N PRO A 179 8.11 2.82 -18.25
CA PRO A 179 8.47 2.26 -16.94
C PRO A 179 9.88 2.68 -16.55
N PHE A 180 10.08 2.85 -15.25
CA PHE A 180 11.34 3.36 -14.74
C PHE A 180 11.74 2.64 -13.46
N ALA A 181 13.04 2.37 -13.34
CA ALA A 181 13.59 1.68 -12.18
C ALA A 181 13.83 2.62 -11.02
N ILE A 182 13.66 2.10 -9.81
CA ILE A 182 13.95 2.85 -8.59
C ILE A 182 14.89 2.04 -7.69
N ALA A 183 15.54 2.73 -6.77
CA ALA A 183 16.46 2.08 -5.84
C ALA A 183 15.72 1.26 -4.81
N LYS A 184 16.36 0.16 -4.39
CA LYS A 184 15.87 -0.70 -3.32
C LYS A 184 16.25 -0.11 -1.95
N GLU A 185 15.62 1.01 -1.62
CA GLU A 185 15.88 1.73 -0.38
CA GLU A 185 15.90 1.76 -0.41
C GLU A 185 14.63 2.47 0.05
ZN ZN B . 2.58 -11.19 8.91
ZN ZN C . -15.19 20.36 10.50
C7 ME2 D . -14.44 14.45 11.85
C6 ME2 D . -13.98 15.81 12.27
O3 ME2 D . -12.71 16.22 11.88
C5 ME2 D . -12.25 17.41 12.39
C4 ME2 D . -10.86 17.73 11.99
O2 ME2 D . -9.90 16.90 12.49
C3 ME2 D . -8.63 16.97 11.95
C2 ME2 D . -7.52 16.42 12.76
O1 ME2 D . -7.38 16.93 14.03
C1 ME2 D . -7.47 18.29 14.22
H71 ME2 D . -13.77 13.80 12.10
H72 ME2 D . -15.27 14.25 12.32
H61 ME2 D . -14.08 15.91 13.22
H51 ME2 D . -12.83 18.13 12.13
H41 ME2 D . -10.66 18.65 12.20
H31 ME2 D . -8.63 16.55 11.08
H21 ME2 D . -6.68 16.50 12.29
H11 ME2 D . -7.75 18.49 15.14
H12 ME2 D . -6.60 18.71 14.05
H13 ME2 D . -8.13 18.66 13.59
C1 PEG E . -10.64 19.62 16.62
C2 PEG E . -12.03 19.27 16.24
O2 PEG E . -12.42 17.96 16.36
C3 PEG E . -13.33 17.61 17.34
C4 PEG E . -12.98 16.50 18.26
H11 PEG E . -10.01 19.09 16.09
H12 PEG E . -10.50 19.44 17.56
H21 PEG E . -12.65 19.84 16.73
H31 PEG E . -13.52 18.40 17.87
H41 PEG E . -12.01 16.44 18.35
H42 PEG E . -13.36 16.68 19.14
#